data_4X9J
#
_entry.id   4X9J
#
_cell.length_a   44.009
_cell.length_b   55.989
_cell.length_c   128.952
_cell.angle_alpha   90.00
_cell.angle_beta   90.00
_cell.angle_gamma   90.00
#
_symmetry.space_group_name_H-M   'C 2 2 21'
#
loop_
_entity.id
_entity.type
_entity.pdbx_description
1 polymer 'Early growth response protein 1'
2 polymer "DNA (5'-D(*AP*GP*(5CM)P*GP*TP*GP*GP*GP*(5CM)P*GP*T)-3')"
3 polymer "DNA (5'-D(*TP*AP*(5CM)P*GP*CP*CP*CP*AP*(5CM)P*GP*C)-3')"
4 non-polymer 'ZINC ION'
5 water water
#
loop_
_entity_poly.entity_id
_entity_poly.type
_entity_poly.pdbx_seq_one_letter_code
_entity_poly.pdbx_strand_id
1 'polypeptide(L)'
;ERPYACPVESCDRRFSRSDELTRHIRIHTGQKPFQCRICMRNFSRSDHLTTHIRTHTGEKPFACDICGRKFARSDERKRH
TKIHLRQKD
;
A
2 'polydeoxyribonucleotide' (DA)(DG)(5CM)(DG)(DT)(DG)(DG)(DG)(5CM)(DG)(DT) B
3 'polydeoxyribonucleotide' (DT)(DA)(5CM)(DG)(DC)(DC)(DC)(DA)(5CM)(DG)(DC) C
#
# COMPACT_ATOMS: atom_id res chain seq x y z
N GLU A 1 -22.20 -5.48 -7.48
CA GLU A 1 -21.89 -6.86 -7.83
C GLU A 1 -20.40 -7.05 -8.09
N ARG A 2 -19.94 -8.30 -8.03
CA ARG A 2 -18.54 -8.63 -8.30
C ARG A 2 -18.43 -9.65 -9.41
N PRO A 3 -18.62 -9.21 -10.66
CA PRO A 3 -18.64 -10.16 -11.78
C PRO A 3 -17.28 -10.78 -12.10
N TYR A 4 -16.18 -10.24 -11.57
CA TYR A 4 -14.83 -10.68 -11.96
C TYR A 4 -14.22 -11.66 -10.98
N ALA A 5 -14.28 -12.95 -11.29
CA ALA A 5 -13.86 -13.97 -10.34
C ALA A 5 -12.41 -14.37 -10.56
N CYS A 6 -11.70 -14.70 -9.48
CA CYS A 6 -10.34 -15.15 -9.62
C CYS A 6 -10.34 -16.58 -10.15
N PRO A 7 -9.61 -16.85 -11.25
CA PRO A 7 -9.66 -18.20 -11.84
C PRO A 7 -8.75 -19.24 -11.23
N VAL A 8 -7.96 -18.84 -10.25
CA VAL A 8 -7.09 -19.78 -9.55
C VAL A 8 -7.92 -20.67 -8.60
N GLU A 9 -7.61 -21.96 -8.62
CA GLU A 9 -8.50 -23.01 -8.07
C GLU A 9 -8.84 -22.82 -6.60
N SER A 10 -7.81 -22.62 -5.80
CA SER A 10 -7.96 -22.52 -4.35
C SER A 10 -8.68 -21.24 -3.92
N CYS A 11 -9.03 -20.41 -4.91
CA CYS A 11 -9.44 -19.03 -4.65
C CYS A 11 -10.87 -18.75 -5.08
N ASP A 12 -11.66 -18.22 -4.17
CA ASP A 12 -13.06 -17.88 -4.44
C ASP A 12 -13.29 -16.37 -4.42
N ARG A 13 -12.21 -15.60 -4.53
CA ARG A 13 -12.31 -14.15 -4.52
C ARG A 13 -13.01 -13.64 -5.77
N ARG A 14 -13.77 -12.56 -5.60
CA ARG A 14 -14.44 -11.90 -6.71
C ARG A 14 -14.21 -10.39 -6.60
N PHE A 15 -14.42 -9.66 -7.70
CA PHE A 15 -14.12 -8.23 -7.78
C PHE A 15 -15.15 -7.46 -8.60
N SER A 16 -15.37 -6.20 -8.22
CA SER A 16 -16.26 -5.29 -8.95
C SER A 16 -15.58 -4.80 -10.22
N ARG A 17 -14.27 -4.63 -10.14
CA ARG A 17 -13.52 -4.09 -11.25
C ARG A 17 -12.46 -5.04 -11.79
N SER A 18 -12.33 -5.06 -13.11
CA SER A 18 -11.42 -6.01 -13.77
C SER A 18 -9.99 -5.74 -13.38
N ASP A 19 -9.64 -4.47 -13.22
CA ASP A 19 -8.27 -4.14 -12.90
C ASP A 19 -7.93 -4.59 -11.48
N GLU A 20 -8.92 -4.67 -10.61
CA GLU A 20 -8.67 -5.15 -9.23
C GLU A 20 -8.35 -6.65 -9.27
N LEU A 21 -9.05 -7.40 -10.12
CA LEU A 21 -8.70 -8.81 -10.33
C LEU A 21 -7.28 -8.93 -10.89
N THR A 22 -6.92 -8.11 -11.86
CA THR A 22 -5.58 -8.20 -12.45
C THR A 22 -4.49 -7.93 -11.38
N ARG A 23 -4.74 -6.97 -10.52
CA ARG A 23 -3.82 -6.69 -9.40
C ARG A 23 -3.76 -7.90 -8.44
N HIS A 24 -4.92 -8.44 -8.11
CA HIS A 24 -5.02 -9.59 -7.22
C HIS A 24 -4.25 -10.78 -7.74
N ILE A 25 -4.26 -11.02 -9.05
CA ILE A 25 -3.59 -12.18 -9.63
C ILE A 25 -2.10 -12.17 -9.33
N ARG A 26 -1.51 -11.00 -9.15
CA ARG A 26 -0.09 -10.92 -8.82
C ARG A 26 0.24 -11.70 -7.55
N ILE A 27 -0.72 -11.87 -6.66
CA ILE A 27 -0.46 -12.59 -5.42
C ILE A 27 -0.13 -14.04 -5.78
N HIS A 28 -0.91 -14.59 -6.70
CA HIS A 28 -0.73 -15.96 -7.19
C HIS A 28 0.49 -16.11 -8.11
N THR A 29 0.83 -15.10 -8.90
CA THR A 29 1.95 -15.21 -9.82
C THR A 29 3.26 -14.82 -9.15
N GLY A 30 3.18 -14.11 -8.04
CA GLY A 30 4.36 -13.60 -7.38
C GLY A 30 4.98 -12.42 -8.10
N GLN A 31 4.27 -11.85 -9.06
CA GLN A 31 4.81 -10.74 -9.83
C GLN A 31 4.91 -9.50 -8.91
N LYS A 32 6.11 -8.95 -8.84
CA LYS A 32 6.41 -7.78 -8.00
C LYS A 32 7.19 -6.82 -8.89
N PRO A 33 6.46 -6.08 -9.74
CA PRO A 33 7.05 -5.34 -10.86
C PRO A 33 7.79 -4.06 -10.49
N PHE A 34 7.78 -3.67 -9.22
CA PHE A 34 8.23 -2.33 -8.82
C PHE A 34 9.39 -2.48 -7.87
N GLN A 35 10.58 -2.11 -8.32
CA GLN A 35 11.78 -2.37 -7.54
C GLN A 35 12.32 -1.07 -6.91
N CYS A 36 12.65 -1.15 -5.63
CA CYS A 36 13.32 -0.05 -4.95
C CYS A 36 14.75 0.13 -5.46
N ARG A 37 15.06 1.33 -5.91
CA ARG A 37 16.36 1.63 -6.50
C ARG A 37 17.46 1.62 -5.45
N ILE A 38 17.07 1.80 -4.19
CA ILE A 38 18.04 1.93 -3.11
C ILE A 38 18.46 0.57 -2.56
N CYS A 39 17.49 -0.29 -2.22
CA CYS A 39 17.81 -1.58 -1.61
C CYS A 39 17.49 -2.79 -2.48
N MET A 40 16.90 -2.56 -3.66
CA MET A 40 16.63 -3.59 -4.66
C MET A 40 15.43 -4.51 -4.30
N ARG A 41 14.77 -4.25 -3.18
CA ARG A 41 13.57 -5.01 -2.84
C ARG A 41 12.45 -4.77 -3.85
N ASN A 42 11.69 -5.83 -4.16
CA ASN A 42 10.60 -5.74 -5.13
C ASN A 42 9.25 -5.71 -4.45
N PHE A 43 8.30 -4.99 -5.07
CA PHE A 43 6.97 -4.77 -4.52
C PHE A 43 5.90 -5.03 -5.56
N SER A 44 4.79 -5.53 -5.06
CA SER A 44 3.59 -5.78 -5.85
C SER A 44 2.91 -4.51 -6.37
N ARG A 45 3.11 -3.40 -5.67
CA ARG A 45 2.35 -2.19 -5.95
C ARG A 45 3.22 -0.93 -5.99
N SER A 46 2.97 -0.10 -6.98
CA SER A 46 3.76 1.11 -7.15
C SER A 46 3.56 2.08 -5.97
N ASP A 47 2.36 2.15 -5.42
CA ASP A 47 2.09 3.07 -4.32
C ASP A 47 2.83 2.62 -3.06
N HIS A 48 2.92 1.30 -2.84
CA HIS A 48 3.63 0.78 -1.69
C HIS A 48 5.15 0.93 -1.85
N LEU A 49 5.63 0.90 -3.11
CA LEU A 49 7.03 1.24 -3.35
C LEU A 49 7.30 2.66 -2.87
N THR A 50 6.45 3.60 -3.26
CA THR A 50 6.68 4.98 -2.89
C THR A 50 6.78 5.19 -1.38
N THR A 51 5.87 4.62 -0.61
CA THR A 51 5.97 4.78 0.84
C THR A 51 7.18 4.03 1.43
N HIS A 52 7.50 2.88 0.85
CA HIS A 52 8.72 2.16 1.27
C HIS A 52 9.97 3.04 1.12
N ILE A 53 10.09 3.74 0.00
CA ILE A 53 11.27 4.56 -0.27
C ILE A 53 11.51 5.56 0.86
N ARG A 54 10.42 6.03 1.47
CA ARG A 54 10.53 7.00 2.58
C ARG A 54 11.26 6.41 3.78
N THR A 55 11.34 5.09 3.88
CA THR A 55 12.11 4.49 4.95
C THR A 55 13.59 4.77 4.76
N HIS A 56 14.03 4.95 3.53
CA HIS A 56 15.43 5.25 3.24
C HIS A 56 15.72 6.76 3.31
N THR A 57 14.79 7.58 2.81
CA THR A 57 15.07 9.00 2.65
C THR A 57 14.72 9.80 3.89
N GLY A 58 13.83 9.29 4.75
CA GLY A 58 13.39 10.04 5.90
C GLY A 58 12.31 11.06 5.58
N GLU A 59 11.77 11.03 4.37
CA GLU A 59 10.74 11.98 3.98
C GLU A 59 9.48 11.74 4.82
N LYS A 60 8.87 12.79 5.36
CA LYS A 60 7.70 12.65 6.21
C LYS A 60 6.71 13.76 5.85
N PRO A 61 5.89 13.54 4.80
CA PRO A 61 5.05 14.62 4.26
C PRO A 61 3.85 15.00 5.12
N PHE A 62 3.46 14.18 6.07
CA PHE A 62 2.18 14.35 6.76
C PHE A 62 2.32 14.82 8.21
N ALA A 63 1.95 16.05 8.48
CA ALA A 63 2.12 16.64 9.82
C ALA A 63 0.80 16.61 10.62
N CYS A 64 0.92 16.27 11.90
CA CYS A 64 -0.21 16.32 12.83
C CYS A 64 -0.73 17.75 13.01
N ASP A 65 -2.03 17.94 12.84
CA ASP A 65 -2.62 19.27 13.00
C ASP A 65 -2.47 19.83 14.39
N ILE A 66 -2.50 18.99 15.40
CA ILE A 66 -2.43 19.43 16.79
C ILE A 66 -1.01 19.75 17.26
N CYS A 67 -0.04 18.90 16.95
CA CYS A 67 1.32 19.03 17.50
C CYS A 67 2.42 19.22 16.47
N GLY A 68 2.13 19.00 15.19
CA GLY A 68 3.11 19.21 14.15
C GLY A 68 4.05 18.03 13.90
N ARG A 69 3.96 16.96 14.68
CA ARG A 69 4.80 15.78 14.43
C ARG A 69 4.55 15.24 13.02
N LYS A 70 5.62 14.86 12.34
CA LYS A 70 5.60 14.45 10.93
C LYS A 70 5.69 12.94 10.76
N PHE A 71 4.96 12.45 9.75
CA PHE A 71 4.90 11.03 9.42
C PHE A 71 5.08 10.75 7.93
N ALA A 72 5.62 9.58 7.64
CA ALA A 72 5.80 9.14 6.26
C ALA A 72 4.52 8.81 5.53
N ARG A 73 3.49 8.39 6.27
CA ARG A 73 2.23 7.99 5.68
C ARG A 73 1.02 8.67 6.29
N SER A 74 -0.02 8.87 5.48
CA SER A 74 -1.21 9.54 5.97
C SER A 74 -1.90 8.71 7.04
N ASP A 75 -1.92 7.38 6.88
CA ASP A 75 -2.61 6.54 7.85
C ASP A 75 -1.88 6.53 9.19
N GLU A 76 -0.57 6.73 9.14
CA GLU A 76 0.27 6.79 10.31
C GLU A 76 -0.04 8.07 11.06
N ARG A 77 -0.15 9.19 10.33
CA ARG A 77 -0.62 10.41 10.95
C ARG A 77 -2.00 10.23 11.56
N LYS A 78 -2.91 9.60 10.83
CA LYS A 78 -4.26 9.39 11.35
C LYS A 78 -4.29 8.65 12.68
N ARG A 79 -3.52 7.58 12.75
CA ARG A 79 -3.44 6.78 13.93
C ARG A 79 -2.88 7.59 15.11
N HIS A 80 -2.00 8.52 14.80
CA HIS A 80 -1.41 9.38 15.81
C HIS A 80 -2.34 10.48 16.34
N THR A 81 -3.06 11.17 15.45
CA THR A 81 -3.83 12.33 15.88
C THR A 81 -4.77 12.01 17.02
N LYS A 82 -5.28 10.78 17.06
CA LYS A 82 -6.22 10.43 18.12
C LYS A 82 -5.66 10.38 19.53
N ILE A 83 -4.35 10.31 19.69
CA ILE A 83 -3.78 10.28 21.02
C ILE A 83 -4.01 11.58 21.75
N HIS A 84 -4.33 12.64 21.01
CA HIS A 84 -4.53 13.95 21.63
C HIS A 84 -5.91 14.10 22.26
N LEU A 85 -6.78 13.11 22.06
CA LEU A 85 -8.11 13.12 22.71
C LEU A 85 -8.03 12.99 24.24
N ARG A 86 -9.19 13.09 24.89
CA ARG A 86 -9.28 13.01 26.35
C ARG A 86 -8.44 11.88 26.91
#